data_9GN7
#
_entry.id   9GN7
#
_cell.length_a   146.57
_cell.length_b   146.57
_cell.length_c   146.57
_cell.angle_alpha   90
_cell.angle_beta   90
_cell.angle_gamma   90
#
_symmetry.space_group_name_H-M   'I 2 3'
#
loop_
_entity.id
_entity.type
_entity.pdbx_description
1 polymer Deacetylase
2 non-polymer 'POTASSIUM ION'
3 non-polymer 'ZINC ION'
4 non-polymer 'PHOSPHATE ION'
5 non-polymer 'TRICHOSTATIN A'
6 non-polymer GLYCEROL
7 water water
#
_entity_poly.entity_id   1
_entity_poly.type   'polypeptide(L)'
_entity_poly.pdbx_seq_one_letter_code
;MAHHHHHHVGTMKRKTGFFFDERCFWHSTGLHAVTLPVGGWVQPPAGGGHAESPETKRRMKNLMDVSGLTPQLALRSAAP
ASLEDLRRIHPDSYLERFKAISDNGGGMLGKEAPLGPGSYEIACLSAGLACAAVEAVLKGELDNAYSLSRPPGHHCLPDQ
SMGFCFLANIPIAVERAKAQLGLGKVAIIDWDVHHGNGTQHIYLQRDDVLTISLHQDGCFPPGYAGEDDRGVGAGEGYNI
NIPLLAGAGDDSWRYALETIVIPALARFEPELIIIACGYDANAMDPLARMQLHSDSFRAMTEQVQQAADRLCGGKLVMVH
EGGYAESYVPFCGLAVMEALSGIRTEVQDPLLEFIQQQQPRATFAQFQRQAIDRLAQQFGLQ
;
_entity_poly.pdbx_strand_id   A
#
# COMPACT_ATOMS: atom_id res chain seq x y z
N LYS A 13 1.66 20.56 -12.94
CA LYS A 13 2.90 20.58 -12.11
C LYS A 13 2.55 21.05 -10.69
N ARG A 14 2.35 20.02 -9.84
CA ARG A 14 2.30 20.07 -8.38
C ARG A 14 3.73 20.02 -7.83
N LYS A 15 3.95 20.38 -6.56
CA LYS A 15 5.22 20.08 -5.91
C LYS A 15 5.04 18.73 -5.21
N THR A 16 5.71 17.67 -5.71
CA THR A 16 5.50 16.29 -5.30
C THR A 16 6.75 15.78 -4.58
N GLY A 17 6.54 15.35 -3.34
CA GLY A 17 7.58 14.74 -2.53
C GLY A 17 7.72 13.23 -2.79
N PHE A 18 9.00 12.80 -2.83
CA PHE A 18 9.37 11.41 -2.93
C PHE A 18 10.31 11.14 -1.79
N PHE A 19 9.81 10.36 -0.86
CA PHE A 19 10.55 10.03 0.34
C PHE A 19 11.12 8.62 0.27
N PHE A 20 12.47 8.52 0.35
CA PHE A 20 13.07 7.19 0.18
C PHE A 20 14.39 7.26 0.93
N ASP A 21 14.92 6.11 1.21
CA ASP A 21 16.24 6.03 1.82
C ASP A 21 16.89 4.74 1.40
N GLU A 22 18.16 4.80 1.00
CA GLU A 22 18.90 3.62 0.58
C GLU A 22 18.87 2.50 1.64
N ARG A 23 18.88 2.88 2.91
CA ARG A 23 18.85 1.86 3.94
C ARG A 23 17.62 0.98 3.93
N CYS A 24 16.48 1.48 3.46
CA CYS A 24 15.36 0.57 3.35
C CYS A 24 15.58 -0.62 2.41
N PHE A 25 16.46 -0.50 1.44
CA PHE A 25 16.74 -1.63 0.56
C PHE A 25 17.65 -2.66 1.21
N TRP A 26 18.20 -2.37 2.40
CA TRP A 26 19.09 -3.29 3.06
C TRP A 26 18.37 -4.30 3.96
N HIS A 27 17.06 -4.18 4.16
CA HIS A 27 16.39 -5.15 4.99
C HIS A 27 16.30 -6.49 4.26
N SER A 28 16.48 -7.57 5.00
CA SER A 28 16.48 -8.90 4.39
C SER A 28 15.71 -9.86 5.30
N THR A 29 15.50 -11.06 4.79
CA THR A 29 14.49 -11.96 5.31
C THR A 29 15.00 -13.38 5.23
N GLY A 30 16.29 -13.66 5.06
CA GLY A 30 16.71 -15.05 4.92
C GLY A 30 16.54 -15.66 3.50
N LEU A 31 16.57 -16.98 3.45
CA LEU A 31 16.63 -17.75 2.22
C LEU A 31 15.26 -18.40 1.96
N HIS A 32 14.63 -18.00 0.85
CA HIS A 32 13.36 -18.56 0.45
C HIS A 32 13.46 -18.98 -1.01
N ALA A 33 12.59 -19.91 -1.38
CA ALA A 33 12.40 -20.28 -2.77
C ALA A 33 11.13 -19.55 -3.21
N VAL A 34 11.36 -18.42 -3.83
CA VAL A 34 10.35 -17.42 -4.12
C VAL A 34 9.82 -16.92 -2.79
N THR A 35 8.63 -17.32 -2.32
CA THR A 35 8.26 -16.96 -0.96
C THR A 35 8.10 -18.17 -0.05
N LEU A 36 8.42 -19.38 -0.51
CA LEU A 36 8.41 -20.51 0.39
C LEU A 36 9.70 -20.59 1.20
N PRO A 37 9.61 -20.82 2.53
CA PRO A 37 10.77 -21.12 3.37
C PRO A 37 11.47 -22.42 2.90
N VAL A 38 12.78 -22.36 2.85
CA VAL A 38 13.60 -23.49 2.47
C VAL A 38 13.61 -24.52 3.59
N GLY A 39 13.57 -25.79 3.19
CA GLY A 39 13.71 -26.90 4.11
C GLY A 39 12.62 -27.91 3.85
N GLY A 40 12.73 -29.12 4.41
CA GLY A 40 11.70 -30.12 4.17
C GLY A 40 11.77 -30.48 2.68
N TRP A 41 10.68 -30.32 1.97
CA TRP A 41 10.63 -30.66 0.57
C TRP A 41 10.88 -29.48 -0.37
N VAL A 42 11.13 -28.28 0.15
CA VAL A 42 11.53 -27.11 -0.57
C VAL A 42 13.04 -27.02 -0.65
N GLN A 43 13.48 -27.29 -1.86
CA GLN A 43 14.85 -27.21 -2.24
C GLN A 43 15.30 -25.78 -2.19
N PRO A 44 16.52 -25.51 -1.75
CA PRO A 44 17.08 -24.15 -1.78
C PRO A 44 17.12 -23.66 -3.21
N PRO A 45 16.90 -22.35 -3.52
CA PRO A 45 16.93 -21.86 -4.91
C PRO A 45 18.39 -21.78 -5.29
N ALA A 46 18.59 -22.01 -6.58
CA ALA A 46 19.90 -22.12 -7.17
C ALA A 46 20.43 -20.70 -7.28
N GLY A 47 19.55 -19.69 -7.53
CA GLY A 47 19.96 -18.31 -7.36
C GLY A 47 19.26 -17.56 -6.22
N GLY A 48 18.72 -16.38 -6.62
CA GLY A 48 18.09 -15.44 -5.71
C GLY A 48 17.14 -16.18 -4.78
N GLY A 49 17.21 -15.83 -3.49
CA GLY A 49 16.21 -16.32 -2.57
C GLY A 49 15.65 -15.27 -1.62
N HIS A 50 15.03 -14.16 -2.12
CA HIS A 50 14.44 -13.14 -1.26
C HIS A 50 12.92 -13.13 -1.33
N ALA A 51 12.29 -13.45 -0.17
CA ALA A 51 10.82 -13.38 -0.05
C ALA A 51 10.35 -11.96 -0.40
N GLU A 52 10.78 -10.96 0.38
CA GLU A 52 10.29 -9.62 0.08
C GLU A 52 11.46 -8.81 -0.46
N SER A 53 11.58 -8.66 -1.77
CA SER A 53 12.86 -8.34 -2.36
C SER A 53 12.96 -6.84 -2.54
N PRO A 54 14.14 -6.22 -2.34
CA PRO A 54 14.32 -4.79 -2.59
C PRO A 54 14.29 -4.45 -4.09
N GLU A 55 14.45 -5.43 -4.94
CA GLU A 55 14.71 -5.19 -6.37
C GLU A 55 13.54 -4.49 -7.04
N THR A 56 12.31 -4.84 -6.69
CA THR A 56 11.19 -4.18 -7.33
C THR A 56 11.19 -2.68 -7.03
N LYS A 57 11.42 -2.34 -5.76
CA LYS A 57 11.43 -0.96 -5.31
C LYS A 57 12.61 -0.21 -5.90
N ARG A 58 13.80 -0.86 -5.95
CA ARG A 58 14.97 -0.18 -6.45
C ARG A 58 14.84 0.08 -7.96
N ARG A 59 14.25 -0.90 -8.67
CA ARG A 59 14.08 -0.80 -10.10
C ARG A 59 13.11 0.32 -10.42
N MET A 60 12.13 0.55 -9.55
CA MET A 60 11.20 1.65 -9.79
C MET A 60 11.98 2.97 -9.68
N LYS A 61 12.78 3.09 -8.63
CA LYS A 61 13.55 4.29 -8.44
C LYS A 61 14.56 4.47 -9.59
N ASN A 62 15.17 3.38 -10.06
CA ASN A 62 16.16 3.45 -11.11
C ASN A 62 15.50 3.93 -12.39
N LEU A 63 14.28 3.48 -12.64
CA LEU A 63 13.56 3.90 -13.83
C LEU A 63 13.13 5.36 -13.71
N MET A 64 12.76 5.81 -12.53
CA MET A 64 12.43 7.22 -12.35
C MET A 64 13.66 8.08 -12.65
N ASP A 65 14.87 7.61 -12.28
CA ASP A 65 16.07 8.36 -12.56
C ASP A 65 16.39 8.40 -14.06
N VAL A 66 16.39 7.26 -14.75
CA VAL A 66 16.81 7.33 -16.15
C VAL A 66 15.74 7.99 -17.02
N SER A 67 14.47 8.03 -16.58
CA SER A 67 13.48 8.66 -17.40
C SER A 67 13.54 10.19 -17.26
N GLY A 68 14.31 10.70 -16.32
CA GLY A 68 14.38 12.15 -16.14
C GLY A 68 13.33 12.71 -15.16
N LEU A 69 12.59 11.86 -14.44
CA LEU A 69 11.50 12.32 -13.59
C LEU A 69 12.03 12.78 -12.24
N THR A 70 12.93 12.00 -11.67
CA THR A 70 13.48 12.22 -10.34
C THR A 70 13.92 13.68 -10.12
N PRO A 71 14.68 14.34 -10.98
CA PRO A 71 15.11 15.72 -10.68
C PRO A 71 13.98 16.73 -10.59
N GLN A 72 12.80 16.37 -11.08
CA GLN A 72 11.64 17.21 -11.04
C GLN A 72 10.80 16.97 -9.76
N LEU A 73 11.29 16.21 -8.80
CA LEU A 73 10.46 15.88 -7.65
C LEU A 73 11.14 16.49 -6.44
N ALA A 74 10.46 16.61 -5.30
CA ALA A 74 11.22 16.97 -4.11
C ALA A 74 11.66 15.70 -3.36
N LEU A 75 12.97 15.39 -3.41
CA LEU A 75 13.54 14.19 -2.80
C LEU A 75 13.80 14.43 -1.33
N ARG A 76 13.41 13.47 -0.51
CA ARG A 76 13.60 13.56 0.91
C ARG A 76 13.76 12.16 1.53
N SER A 77 14.48 12.19 2.62
CA SER A 77 14.56 11.11 3.57
C SER A 77 13.80 11.58 4.78
N ALA A 78 14.07 10.96 5.93
CA ALA A 78 13.39 11.28 7.17
C ALA A 78 14.19 10.72 8.32
N ALA A 79 13.87 11.25 9.50
CA ALA A 79 14.26 10.64 10.76
C ALA A 79 13.38 9.42 10.99
N PRO A 80 13.92 8.38 11.64
CA PRO A 80 13.14 7.18 11.89
C PRO A 80 12.00 7.50 12.83
N ALA A 81 10.98 6.68 12.83
CA ALA A 81 9.95 6.82 13.83
C ALA A 81 10.53 6.48 15.19
N SER A 82 10.20 7.34 16.18
CA SER A 82 10.66 7.21 17.56
C SER A 82 9.90 6.08 18.25
N LEU A 83 10.45 5.65 19.38
CA LEU A 83 9.78 4.66 20.21
C LEU A 83 8.37 5.14 20.64
N GLU A 84 8.24 6.44 20.86
CA GLU A 84 6.97 7.01 21.24
C GLU A 84 5.97 6.91 20.08
N ASP A 85 6.46 7.14 18.84
CA ASP A 85 5.61 6.99 17.68
C ASP A 85 5.10 5.57 17.56
N LEU A 86 6.01 4.64 17.81
CA LEU A 86 5.64 3.25 17.63
C LEU A 86 4.64 2.85 18.71
N ARG A 87 4.80 3.42 19.92
CA ARG A 87 3.94 2.99 21.02
C ARG A 87 2.51 3.55 20.93
N ARG A 88 2.21 4.48 20.03
CA ARG A 88 0.82 4.78 19.77
C ARG A 88 0.12 3.60 19.08
N ILE A 89 0.83 2.61 18.58
CA ILE A 89 0.10 1.55 17.91
C ILE A 89 0.42 0.20 18.53
N HIS A 90 1.70 -0.01 18.85
CA HIS A 90 2.20 -1.30 19.22
C HIS A 90 2.53 -1.31 20.71
N PRO A 91 2.25 -2.41 21.41
CA PRO A 91 2.72 -2.59 22.79
C PRO A 91 4.19 -2.96 22.84
N ASP A 92 4.82 -2.73 23.97
CA ASP A 92 6.24 -2.91 24.16
C ASP A 92 6.63 -4.38 24.09
N SER A 93 5.77 -5.29 24.51
CA SER A 93 6.14 -6.70 24.43
C SER A 93 6.45 -7.10 22.97
N TYR A 94 5.65 -6.67 21.99
CA TYR A 94 5.89 -6.91 20.56
C TYR A 94 7.19 -6.22 20.09
N LEU A 95 7.26 -4.93 20.36
CA LEU A 95 8.41 -4.17 19.97
C LEU A 95 9.72 -4.74 20.49
N GLU A 96 9.72 -5.27 21.71
CA GLU A 96 10.94 -5.68 22.36
C GLU A 96 11.38 -6.99 21.73
N ARG A 97 10.38 -7.83 21.40
CA ARG A 97 10.62 -9.10 20.75
C ARG A 97 11.15 -8.84 19.33
N PHE A 98 10.66 -7.82 18.66
CA PHE A 98 11.09 -7.60 17.27
C PHE A 98 12.53 -7.12 17.33
N LYS A 99 12.78 -6.19 18.20
CA LYS A 99 14.08 -5.67 18.35
C LYS A 99 15.08 -6.73 18.80
N ALA A 100 14.67 -7.66 19.67
CA ALA A 100 15.55 -8.72 20.13
C ALA A 100 15.99 -9.57 18.95
N ILE A 101 15.05 -10.07 18.21
CA ILE A 101 15.37 -10.86 17.02
C ILE A 101 16.29 -10.12 16.05
N SER A 102 16.03 -8.83 15.79
CA SER A 102 16.81 -8.01 14.88
C SER A 102 18.26 -7.86 15.36
N ASP A 103 18.40 -7.64 16.68
CA ASP A 103 19.67 -7.33 17.33
C ASP A 103 20.54 -8.57 17.40
N ASN A 104 19.90 -9.73 17.41
CA ASN A 104 20.62 -11.00 17.47
C ASN A 104 20.83 -11.63 16.09
N GLY A 105 20.84 -10.91 14.97
CA GLY A 105 21.21 -11.49 13.67
C GLY A 105 20.00 -11.86 12.79
N GLY A 106 18.75 -11.61 13.23
CA GLY A 106 17.60 -11.98 12.44
C GLY A 106 17.09 -13.34 12.88
N GLY A 107 16.03 -13.83 12.25
CA GLY A 107 15.32 -14.98 12.74
C GLY A 107 13.84 -14.83 12.41
N MET A 108 12.98 -15.33 13.30
CA MET A 108 11.55 -15.49 13.09
C MET A 108 10.86 -14.74 14.24
N LEU A 109 9.84 -13.95 13.89
CA LEU A 109 8.95 -13.28 14.84
C LEU A 109 7.59 -13.98 14.82
N GLY A 110 7.55 -15.15 15.52
CA GLY A 110 6.55 -16.20 15.31
C GLY A 110 6.64 -16.73 13.88
N LYS A 111 5.82 -17.71 13.53
CA LYS A 111 5.99 -18.42 12.26
C LYS A 111 5.55 -17.53 11.09
N GLU A 112 6.10 -17.80 9.90
CA GLU A 112 5.94 -16.90 8.77
C GLU A 112 5.96 -15.45 9.30
N ALA A 113 7.15 -15.00 9.71
CA ALA A 113 7.54 -13.59 9.91
C ALA A 113 9.07 -13.51 10.01
N PRO A 114 9.77 -13.56 8.86
CA PRO A 114 11.24 -13.70 8.83
C PRO A 114 11.83 -12.31 8.68
N LEU A 115 12.86 -12.03 9.46
CA LEU A 115 13.55 -10.77 9.38
C LEU A 115 15.04 -10.96 9.48
N GLY A 116 15.75 -9.90 9.24
CA GLY A 116 17.18 -10.04 9.22
C GLY A 116 17.86 -9.11 10.18
N PRO A 117 19.19 -9.15 10.19
CA PRO A 117 19.93 -8.34 11.14
C PRO A 117 19.67 -6.87 10.83
N GLY A 118 19.46 -6.10 11.87
CA GLY A 118 19.19 -4.67 11.78
C GLY A 118 17.78 -4.35 11.24
N SER A 119 16.88 -5.32 11.02
CA SER A 119 15.57 -5.03 10.44
C SER A 119 14.74 -4.06 11.29
N TYR A 120 14.91 -4.12 12.65
CA TYR A 120 14.19 -3.20 13.49
C TYR A 120 14.40 -1.74 13.09
N GLU A 121 15.64 -1.32 12.99
CA GLU A 121 15.99 0.07 12.75
C GLU A 121 15.58 0.41 11.32
N ILE A 122 15.57 -0.57 10.43
CA ILE A 122 15.13 -0.27 9.06
C ILE A 122 13.61 -0.16 8.95
N ALA A 123 12.88 -0.95 9.71
CA ALA A 123 11.43 -0.78 9.83
C ALA A 123 11.06 0.59 10.43
N CYS A 124 11.79 1.06 11.45
CA CYS A 124 11.51 2.38 12.01
C CYS A 124 11.73 3.49 10.97
N LEU A 125 12.78 3.39 10.19
CA LEU A 125 12.97 4.31 9.08
C LEU A 125 11.81 4.28 8.08
N SER A 126 11.40 3.11 7.68
CA SER A 126 10.33 2.93 6.75
C SER A 126 9.11 3.70 7.27
N ALA A 127 8.81 3.48 8.52
CA ALA A 127 7.63 4.11 9.12
C ALA A 127 7.85 5.62 9.23
N GLY A 128 9.09 6.00 9.51
CA GLY A 128 9.47 7.41 9.53
C GLY A 128 9.30 8.13 8.20
N LEU A 129 9.58 7.45 7.07
CA LEU A 129 9.35 8.07 5.77
C LEU A 129 7.86 8.37 5.62
N ALA A 130 7.00 7.44 6.01
CA ALA A 130 5.57 7.69 5.92
C ALA A 130 5.17 8.83 6.85
N CYS A 131 5.69 8.86 8.08
CA CYS A 131 5.39 9.95 8.98
C CYS A 131 5.73 11.31 8.34
N ALA A 132 6.92 11.43 7.76
CA ALA A 132 7.36 12.71 7.24
C ALA A 132 6.54 13.06 6.00
N ALA A 133 6.12 12.07 5.19
CA ALA A 133 5.38 12.39 3.98
C ALA A 133 4.06 13.03 4.40
N VAL A 134 3.42 12.44 5.38
CA VAL A 134 2.13 12.90 5.83
C VAL A 134 2.29 14.32 6.38
N GLU A 135 3.37 14.57 7.10
CA GLU A 135 3.52 15.85 7.73
C GLU A 135 3.79 16.93 6.68
N ALA A 136 4.69 16.70 5.72
CA ALA A 136 5.00 17.69 4.73
C ALA A 136 3.72 18.08 3.99
N VAL A 137 2.86 17.13 3.70
CA VAL A 137 1.67 17.47 2.94
C VAL A 137 0.70 18.24 3.83
N LEU A 138 0.55 17.82 5.11
CA LEU A 138 -0.37 18.46 6.03
C LEU A 138 0.01 19.92 6.28
N LYS A 139 1.31 20.24 6.33
CA LYS A 139 1.79 21.56 6.65
C LYS A 139 1.91 22.42 5.39
N GLY A 140 1.49 21.92 4.24
CA GLY A 140 1.48 22.71 3.03
C GLY A 140 2.86 22.87 2.42
N GLU A 141 3.90 22.19 2.94
CA GLU A 141 5.22 22.26 2.28
C GLU A 141 5.20 21.59 0.89
N LEU A 142 4.36 20.54 0.69
CA LEU A 142 4.22 19.78 -0.54
C LEU A 142 2.75 19.69 -0.92
N ASP A 143 2.41 19.58 -2.20
CA ASP A 143 1.01 19.34 -2.55
C ASP A 143 0.55 17.88 -2.32
N ASN A 144 1.51 16.96 -2.59
CA ASN A 144 1.29 15.53 -2.41
C ASN A 144 2.65 14.84 -2.25
N ALA A 145 2.59 13.55 -1.96
CA ALA A 145 3.82 12.86 -1.62
C ALA A 145 3.68 11.34 -1.71
N TYR A 146 4.81 10.73 -2.09
CA TYR A 146 4.96 9.29 -2.18
C TYR A 146 6.10 8.90 -1.24
N SER A 147 5.86 7.84 -0.42
CA SER A 147 6.84 7.25 0.44
C SER A 147 7.16 5.84 -0.05
N LEU A 148 8.42 5.60 -0.38
CA LEU A 148 8.93 4.27 -0.73
C LEU A 148 9.35 3.54 0.51
N SER A 149 8.33 3.19 1.24
CA SER A 149 8.44 2.57 2.55
C SER A 149 8.62 1.05 2.39
N ARG A 150 9.80 0.53 2.75
CA ARG A 150 10.04 -0.90 2.83
C ARG A 150 10.78 -1.14 4.10
N PRO A 151 10.41 -2.12 4.95
CA PRO A 151 9.36 -3.08 4.69
C PRO A 151 7.97 -2.45 4.77
N PRO A 152 6.96 -3.10 4.14
CA PRO A 152 5.55 -2.64 4.14
C PRO A 152 4.83 -2.74 5.50
N GLY A 153 3.58 -2.26 5.63
CA GLY A 153 2.91 -2.09 6.92
C GLY A 153 1.48 -2.64 7.01
N HIS A 154 0.78 -2.79 5.89
CA HIS A 154 -0.68 -2.88 5.94
C HIS A 154 -1.19 -4.19 6.53
N HIS A 155 -0.34 -5.24 6.64
CA HIS A 155 -0.81 -6.47 7.24
C HIS A 155 -0.47 -6.51 8.73
N CYS A 156 0.38 -5.58 9.19
CA CYS A 156 0.90 -5.70 10.54
C CYS A 156 -0.20 -5.45 11.60
N LEU A 157 -0.34 -6.35 12.56
CA LEU A 157 -1.22 -6.10 13.70
C LEU A 157 -0.42 -5.49 14.85
N PRO A 158 -1.09 -4.89 15.88
CA PRO A 158 -0.41 -4.19 16.95
C PRO A 158 0.64 -5.07 17.59
N ASP A 159 0.34 -6.35 17.71
CA ASP A 159 1.17 -7.29 18.46
C ASP A 159 1.56 -8.51 17.61
N GLN A 160 1.45 -8.41 16.27
CA GLN A 160 1.82 -9.54 15.44
C GLN A 160 2.19 -9.10 14.01
N SER A 161 3.38 -9.49 13.60
CA SER A 161 3.89 -9.38 12.27
C SER A 161 3.17 -10.34 11.33
N MET A 162 2.91 -9.90 10.10
CA MET A 162 2.24 -10.73 9.13
C MET A 162 2.49 -10.14 7.74
N GLY A 163 2.41 -11.01 6.76
CA GLY A 163 2.52 -10.65 5.36
C GLY A 163 3.74 -9.79 5.06
N PHE A 164 4.88 -10.07 5.71
CA PHE A 164 6.13 -9.38 5.47
C PHE A 164 6.13 -7.98 6.08
N CYS A 165 5.16 -7.69 6.95
CA CYS A 165 4.99 -6.33 7.52
C CYS A 165 5.35 -6.41 9.01
N PHE A 166 6.13 -5.49 9.54
CA PHE A 166 6.58 -5.58 10.92
C PHE A 166 6.10 -4.40 11.79
N LEU A 167 5.90 -3.24 11.21
CA LEU A 167 5.34 -2.07 11.91
C LEU A 167 4.18 -1.57 11.07
N ALA A 168 3.19 -0.94 11.73
CA ALA A 168 2.03 -0.44 10.98
C ALA A 168 2.37 0.97 10.48
N ASN A 169 2.98 1.03 9.31
CA ASN A 169 3.51 2.27 8.81
C ASN A 169 2.46 3.38 8.75
N ILE A 170 1.39 3.19 7.99
CA ILE A 170 0.43 4.26 7.85
C ILE A 170 -0.24 4.63 9.17
N PRO A 171 -0.71 3.70 9.99
CA PRO A 171 -1.27 4.09 11.30
C PRO A 171 -0.33 4.82 12.22
N ILE A 172 0.93 4.48 12.19
CA ILE A 172 1.90 5.20 12.96
C ILE A 172 1.97 6.64 12.54
N ALA A 173 2.07 6.91 11.23
CA ALA A 173 2.13 8.25 10.72
C ALA A 173 0.83 9.03 11.04
N VAL A 174 -0.32 8.38 10.88
CA VAL A 174 -1.61 8.98 11.14
C VAL A 174 -1.77 9.29 12.62
N GLU A 175 -1.49 8.33 13.48
CA GLU A 175 -1.58 8.61 14.91
C GLU A 175 -0.67 9.76 15.31
N ARG A 176 0.48 9.85 14.68
CA ARG A 176 1.43 10.88 15.05
C ARG A 176 0.91 12.24 14.58
N ALA A 177 0.28 12.28 13.42
CA ALA A 177 -0.25 13.53 12.91
C ALA A 177 -1.49 13.96 13.72
N LYS A 178 -2.25 13.03 14.28
CA LYS A 178 -3.34 13.37 15.18
C LYS A 178 -2.83 13.97 16.48
N ALA A 179 -1.73 13.46 16.99
CA ALA A 179 -1.23 13.99 18.23
C ALA A 179 -0.44 15.27 18.02
N GLN A 180 0.14 15.61 16.88
CA GLN A 180 1.10 16.68 16.89
C GLN A 180 0.76 17.77 15.89
N LEU A 181 -0.18 17.51 14.98
CA LEU A 181 -0.45 18.42 13.88
C LEU A 181 -1.96 18.69 13.80
N GLY A 182 -2.72 18.34 14.85
CA GLY A 182 -4.17 18.52 14.87
C GLY A 182 -4.87 17.90 13.66
N LEU A 183 -4.50 16.69 13.28
CA LEU A 183 -5.16 16.09 12.13
C LEU A 183 -6.52 15.57 12.59
N GLY A 184 -7.56 15.83 11.80
CA GLY A 184 -8.93 15.33 12.02
C GLY A 184 -9.19 14.05 11.21
N LYS A 185 -10.30 14.00 10.50
CA LYS A 185 -10.72 12.88 9.68
C LYS A 185 -9.71 12.59 8.56
N VAL A 186 -9.43 11.28 8.36
CA VAL A 186 -8.53 10.84 7.32
C VAL A 186 -9.08 9.57 6.70
N ALA A 187 -9.01 9.47 5.36
CA ALA A 187 -9.38 8.25 4.67
C ALA A 187 -8.15 7.51 4.15
N ILE A 188 -8.13 6.20 4.34
CA ILE A 188 -7.02 5.37 3.94
C ILE A 188 -7.60 4.39 2.96
N ILE A 189 -7.16 4.51 1.70
CA ILE A 189 -7.62 3.65 0.63
C ILE A 189 -6.46 2.71 0.26
N ASP A 190 -6.73 1.43 0.32
CA ASP A 190 -5.71 0.40 0.19
C ASP A 190 -6.00 -0.37 -1.07
N TRP A 191 -5.21 -0.09 -2.12
CA TRP A 191 -5.36 -0.82 -3.37
C TRP A 191 -4.23 -1.82 -3.67
N ASP A 192 -3.40 -2.15 -2.68
CA ASP A 192 -2.61 -3.38 -2.73
C ASP A 192 -3.61 -4.49 -2.93
N VAL A 193 -3.28 -5.52 -3.69
CA VAL A 193 -4.25 -6.56 -3.98
C VAL A 193 -4.65 -7.40 -2.77
N HIS A 194 -3.92 -7.30 -1.68
CA HIS A 194 -4.22 -8.10 -0.51
C HIS A 194 -5.03 -7.27 0.48
N HIS A 195 -5.70 -7.95 1.42
CA HIS A 195 -6.50 -7.22 2.39
C HIS A 195 -5.64 -6.49 3.41
N GLY A 196 -5.95 -5.21 3.62
CA GLY A 196 -5.29 -4.42 4.62
C GLY A 196 -5.80 -4.71 6.03
N ASN A 197 -5.53 -5.93 6.52
CA ASN A 197 -6.11 -6.43 7.75
C ASN A 197 -5.55 -5.64 8.93
N GLY A 198 -4.33 -5.15 8.83
CA GLY A 198 -3.73 -4.45 9.97
C GLY A 198 -4.39 -3.09 10.20
N THR A 199 -4.51 -2.33 9.12
CA THR A 199 -5.23 -1.06 9.16
C THR A 199 -6.66 -1.25 9.65
N GLN A 200 -7.36 -2.23 9.08
CA GLN A 200 -8.74 -2.50 9.44
C GLN A 200 -8.86 -2.71 10.95
N HIS A 201 -7.96 -3.49 11.57
CA HIS A 201 -8.05 -3.87 12.97
C HIS A 201 -7.83 -2.64 13.81
N ILE A 202 -6.86 -1.84 13.41
CA ILE A 202 -6.45 -0.74 14.25
C ILE A 202 -7.54 0.34 14.29
N TYR A 203 -8.26 0.56 13.19
CA TYR A 203 -9.29 1.59 13.16
C TYR A 203 -10.71 1.03 13.20
N LEU A 204 -10.89 -0.23 13.57
CA LEU A 204 -12.19 -0.86 13.47
C LEU A 204 -13.27 -0.17 14.32
N GLN A 205 -12.91 0.42 15.45
CA GLN A 205 -13.90 0.94 16.37
C GLN A 205 -13.89 2.45 16.29
N ARG A 206 -13.41 3.01 15.17
CA ARG A 206 -13.11 4.44 15.16
C ARG A 206 -13.81 5.08 13.98
N ASP A 207 -14.34 6.29 14.20
CA ASP A 207 -15.15 6.92 13.16
C ASP A 207 -14.37 8.08 12.59
N ASP A 208 -13.19 8.37 13.18
CA ASP A 208 -12.34 9.45 12.70
C ASP A 208 -11.39 9.00 11.56
N VAL A 209 -11.44 7.71 11.20
CA VAL A 209 -10.73 7.19 10.05
C VAL A 209 -11.61 6.21 9.29
N LEU A 210 -11.72 6.46 7.98
CA LEU A 210 -12.37 5.57 7.03
C LEU A 210 -11.29 4.69 6.37
N THR A 211 -11.39 3.37 6.52
CA THR A 211 -10.45 2.42 5.98
C THR A 211 -11.22 1.73 4.89
N ILE A 212 -10.71 1.86 3.67
CA ILE A 212 -11.23 1.13 2.55
C ILE A 212 -10.14 0.21 1.98
N SER A 213 -10.50 -1.06 1.72
CA SER A 213 -9.60 -2.01 1.10
C SER A 213 -10.26 -2.61 -0.11
N LEU A 214 -9.64 -2.47 -1.30
CA LEU A 214 -9.94 -3.27 -2.48
C LEU A 214 -8.93 -4.40 -2.47
N HIS A 215 -9.40 -5.62 -2.70
CA HIS A 215 -8.51 -6.74 -2.60
C HIS A 215 -9.11 -7.91 -3.33
N GLN A 216 -8.25 -8.86 -3.67
CA GLN A 216 -8.70 -10.09 -4.26
C GLN A 216 -9.36 -10.96 -3.18
N ASP A 217 -10.61 -11.33 -3.48
CA ASP A 217 -11.42 -12.20 -2.65
C ASP A 217 -10.60 -13.44 -2.31
N GLY A 218 -10.29 -13.57 -1.01
CA GLY A 218 -9.72 -14.82 -0.52
C GLY A 218 -8.18 -14.91 -0.59
N CYS A 219 -7.47 -13.88 -1.03
CA CYS A 219 -6.06 -14.10 -1.38
C CYS A 219 -5.20 -14.06 -0.14
N PHE A 220 -5.08 -12.93 0.52
CA PHE A 220 -4.34 -12.90 1.78
C PHE A 220 -4.86 -11.76 2.66
N PRO A 221 -5.18 -12.01 3.96
CA PRO A 221 -5.22 -13.36 4.53
C PRO A 221 -6.13 -14.31 3.78
N PRO A 222 -5.72 -15.59 3.76
CA PRO A 222 -6.31 -16.54 2.85
C PRO A 222 -7.74 -16.74 3.33
N GLY A 223 -8.67 -16.78 2.39
CA GLY A 223 -10.03 -17.13 2.76
C GLY A 223 -10.85 -15.97 3.29
N TYR A 224 -10.27 -14.76 3.41
CA TYR A 224 -11.00 -13.59 3.85
C TYR A 224 -11.48 -12.74 2.67
N ALA A 225 -12.79 -12.46 2.71
CA ALA A 225 -13.47 -11.53 1.82
C ALA A 225 -13.79 -10.20 2.53
N GLY A 226 -14.67 -10.27 3.55
CA GLY A 226 -14.87 -9.18 4.49
C GLY A 226 -15.95 -8.16 4.16
N GLU A 227 -16.75 -8.31 3.10
CA GLU A 227 -17.80 -7.33 2.76
C GLU A 227 -18.72 -7.03 3.93
N ASP A 228 -18.93 -7.98 4.84
CA ASP A 228 -19.85 -7.76 5.95
C ASP A 228 -19.16 -7.09 7.13
N ASP A 229 -17.81 -7.02 7.15
CA ASP A 229 -17.09 -6.32 8.22
C ASP A 229 -17.03 -4.83 7.93
N ARG A 230 -17.81 -4.08 8.73
CA ARG A 230 -18.18 -2.70 8.43
C ARG A 230 -17.66 -1.78 9.53
N GLY A 231 -17.09 -2.35 10.60
CA GLY A 231 -16.79 -1.55 11.77
C GLY A 231 -17.67 -1.94 12.96
N VAL A 232 -17.23 -1.54 14.15
CA VAL A 232 -17.78 -1.97 15.42
C VAL A 232 -17.96 -0.72 16.30
N GLY A 233 -19.12 -0.65 16.98
CA GLY A 233 -19.40 0.44 17.88
C GLY A 233 -19.43 1.78 17.13
N ALA A 234 -18.64 2.73 17.59
CA ALA A 234 -18.59 4.04 16.94
C ALA A 234 -18.07 3.90 15.50
N GLY A 235 -17.36 2.80 15.22
CA GLY A 235 -16.71 2.58 13.95
C GLY A 235 -17.61 2.00 12.90
N GLU A 236 -18.86 1.68 13.24
CA GLU A 236 -19.72 1.01 12.30
C GLU A 236 -20.10 1.91 11.11
N GLY A 237 -19.93 1.40 9.86
CA GLY A 237 -20.06 2.21 8.64
C GLY A 237 -18.74 2.85 8.15
N TYR A 238 -17.67 2.77 8.96
CA TYR A 238 -16.37 3.41 8.69
C TYR A 238 -15.27 2.41 8.23
N ASN A 239 -15.64 1.20 7.84
CA ASN A 239 -14.74 0.23 7.26
C ASN A 239 -15.42 -0.34 6.03
N ILE A 240 -14.77 -0.30 4.87
CA ILE A 240 -15.33 -0.83 3.65
C ILE A 240 -14.35 -1.82 3.01
N ASN A 241 -14.77 -3.06 2.80
CA ASN A 241 -14.04 -4.08 2.08
C ASN A 241 -14.69 -4.36 0.73
N ILE A 242 -13.90 -4.30 -0.34
CA ILE A 242 -14.41 -4.65 -1.67
C ILE A 242 -13.68 -5.87 -2.19
N PRO A 243 -14.14 -7.10 -1.91
CA PRO A 243 -13.51 -8.29 -2.46
C PRO A 243 -13.85 -8.50 -3.94
N LEU A 244 -12.96 -8.01 -4.78
CA LEU A 244 -13.07 -8.26 -6.20
C LEU A 244 -12.67 -9.70 -6.52
N LEU A 245 -13.20 -10.16 -7.65
CA LEU A 245 -12.97 -11.50 -8.14
C LEU A 245 -11.56 -11.63 -8.71
N ALA A 246 -10.93 -12.76 -8.36
CA ALA A 246 -9.66 -13.09 -8.95
C ALA A 246 -9.89 -13.09 -10.45
N GLY A 247 -8.92 -12.49 -11.14
CA GLY A 247 -8.96 -12.39 -12.59
C GLY A 247 -9.40 -11.00 -13.05
N ALA A 248 -10.00 -10.21 -12.21
CA ALA A 248 -10.47 -8.91 -12.64
C ALA A 248 -9.31 -8.06 -13.11
N GLY A 249 -9.64 -7.13 -13.99
CA GLY A 249 -8.67 -6.31 -14.65
C GLY A 249 -9.01 -4.83 -14.51
N ASP A 250 -8.47 -4.03 -15.46
CA ASP A 250 -8.61 -2.57 -15.42
C ASP A 250 -10.06 -2.09 -15.26
N ASP A 251 -10.97 -2.48 -16.17
CA ASP A 251 -12.38 -2.09 -16.05
C ASP A 251 -12.95 -2.30 -14.62
N SER A 252 -12.76 -3.48 -14.03
CA SER A 252 -13.30 -3.73 -12.72
C SER A 252 -12.75 -2.85 -11.62
N TRP A 253 -11.42 -2.66 -11.55
CA TRP A 253 -10.85 -1.91 -10.47
C TRP A 253 -11.28 -0.46 -10.56
N ARG A 254 -11.25 0.10 -11.74
CA ARG A 254 -11.62 1.50 -11.92
C ARG A 254 -13.13 1.73 -11.64
N TYR A 255 -13.99 0.78 -11.95
CA TYR A 255 -15.40 0.84 -11.66
C TYR A 255 -15.62 0.72 -10.17
N ALA A 256 -14.86 -0.13 -9.44
CA ALA A 256 -15.04 -0.17 -7.99
C ALA A 256 -14.71 1.16 -7.37
N LEU A 257 -13.71 1.79 -7.91
CA LEU A 257 -13.30 3.08 -7.39
C LEU A 257 -14.35 4.16 -7.68
N GLU A 258 -14.87 4.23 -8.92
CA GLU A 258 -15.84 5.26 -9.36
C GLU A 258 -17.12 5.08 -8.53
N THR A 259 -17.53 3.84 -8.37
CA THR A 259 -18.84 3.47 -7.87
C THR A 259 -18.85 3.35 -6.34
N ILE A 260 -17.73 3.06 -5.66
CA ILE A 260 -17.79 2.85 -4.20
C ILE A 260 -16.93 3.84 -3.47
N VAL A 261 -15.65 3.93 -3.90
CA VAL A 261 -14.68 4.66 -3.12
C VAL A 261 -14.91 6.15 -3.21
N ILE A 262 -15.04 6.71 -4.43
CA ILE A 262 -15.17 8.17 -4.49
C ILE A 262 -16.42 8.64 -3.75
N PRO A 263 -17.60 7.99 -3.97
CA PRO A 263 -18.81 8.31 -3.21
C PRO A 263 -18.65 8.18 -1.71
N ALA A 264 -17.88 7.16 -1.28
CA ALA A 264 -17.66 7.00 0.15
C ALA A 264 -16.78 8.15 0.68
N LEU A 265 -15.92 8.71 -0.17
CA LEU A 265 -15.05 9.76 0.35
C LEU A 265 -15.89 11.03 0.45
N ALA A 266 -16.68 11.29 -0.60
CA ALA A 266 -17.67 12.38 -0.61
C ALA A 266 -18.53 12.35 0.65
N ARG A 267 -19.05 11.19 1.11
CA ARG A 267 -19.91 11.15 2.29
C ARG A 267 -19.10 11.51 3.53
N PHE A 268 -17.86 10.99 3.64
CA PHE A 268 -17.09 11.14 4.86
C PHE A 268 -16.36 12.48 5.01
N GLU A 269 -16.05 13.17 3.91
CA GLU A 269 -15.42 14.50 3.93
C GLU A 269 -14.09 14.49 4.71
N PRO A 270 -13.01 13.83 4.22
CA PRO A 270 -11.74 13.79 4.98
C PRO A 270 -10.92 15.06 4.85
N GLU A 271 -9.91 15.24 5.72
CA GLU A 271 -8.92 16.30 5.60
C GLU A 271 -7.67 15.82 4.87
N LEU A 272 -7.55 14.49 4.67
CA LEU A 272 -6.37 13.87 4.09
C LEU A 272 -6.76 12.50 3.55
N ILE A 273 -6.28 12.21 2.33
CA ILE A 273 -6.40 10.89 1.76
C ILE A 273 -5.00 10.28 1.67
N ILE A 274 -4.91 9.04 2.16
CA ILE A 274 -3.70 8.22 2.16
C ILE A 274 -4.00 6.99 1.35
N ILE A 275 -3.17 6.75 0.34
CA ILE A 275 -3.27 5.50 -0.39
C ILE A 275 -2.23 4.53 0.17
N ALA A 276 -2.69 3.34 0.56
CA ALA A 276 -1.79 2.20 0.73
C ALA A 276 -1.59 1.59 -0.67
N CYS A 277 -0.47 1.92 -1.29
CA CYS A 277 -0.28 1.76 -2.72
C CYS A 277 0.61 0.52 -2.96
N GLY A 278 -0.03 -0.62 -3.12
CA GLY A 278 0.61 -1.81 -3.69
C GLY A 278 0.40 -1.93 -5.18
N TYR A 279 1.32 -2.62 -5.83
CA TYR A 279 1.23 -2.89 -7.23
C TYR A 279 1.06 -4.37 -7.50
N ASP A 280 0.78 -5.14 -6.48
CA ASP A 280 0.65 -6.57 -6.72
C ASP A 280 -0.67 -7.02 -7.35
N ALA A 281 -1.56 -6.11 -7.72
CA ALA A 281 -2.63 -6.45 -8.67
C ALA A 281 -2.23 -6.41 -10.15
N ASN A 282 -0.93 -6.15 -10.44
CA ASN A 282 -0.45 -6.10 -11.82
C ASN A 282 -0.47 -7.50 -12.41
N ALA A 283 -0.64 -7.55 -13.74
CA ALA A 283 -1.03 -8.74 -14.45
C ALA A 283 0.05 -9.81 -14.43
N MET A 284 1.29 -9.46 -14.00
CA MET A 284 2.39 -10.40 -13.99
C MET A 284 2.80 -10.79 -12.57
N ASP A 285 1.98 -10.49 -11.57
CA ASP A 285 2.39 -10.76 -10.23
C ASP A 285 2.17 -12.22 -9.85
N PRO A 286 3.17 -12.88 -9.24
CA PRO A 286 3.00 -14.25 -8.75
C PRO A 286 2.19 -14.32 -7.44
N LEU A 287 1.96 -13.21 -6.71
CA LEU A 287 1.28 -13.25 -5.37
C LEU A 287 -0.22 -12.92 -5.37
N ALA A 288 -0.77 -12.79 -6.58
CA ALA A 288 -2.22 -12.63 -6.81
C ALA A 288 -2.56 -12.85 -8.28
N ARG A 289 -3.85 -12.77 -8.59
CA ARG A 289 -4.35 -13.15 -9.90
C ARG A 289 -5.09 -12.02 -10.60
N MET A 290 -4.77 -10.74 -10.33
CA MET A 290 -5.46 -9.65 -11.01
C MET A 290 -4.73 -9.31 -12.29
N GLN A 291 -5.36 -8.46 -13.14
CA GLN A 291 -4.83 -8.16 -14.46
C GLN A 291 -4.66 -6.67 -14.71
N LEU A 292 -4.21 -5.88 -13.72
CA LEU A 292 -3.91 -4.47 -13.96
C LEU A 292 -2.60 -4.25 -14.71
N HIS A 293 -2.59 -3.13 -15.47
CA HIS A 293 -1.41 -2.66 -16.16
C HIS A 293 -1.14 -1.24 -15.65
N SER A 294 -0.07 -0.64 -16.16
CA SER A 294 0.43 0.63 -15.66
C SER A 294 -0.60 1.75 -15.85
N ASP A 295 -1.35 1.74 -16.96
CA ASP A 295 -2.46 2.68 -17.15
C ASP A 295 -3.58 2.52 -16.13
N SER A 296 -3.78 1.30 -15.64
CA SER A 296 -4.70 1.08 -14.53
C SER A 296 -4.30 1.90 -13.32
N PHE A 297 -3.01 1.77 -12.92
CA PHE A 297 -2.53 2.47 -11.75
C PHE A 297 -2.51 3.99 -12.01
N ARG A 298 -2.22 4.42 -13.25
CA ARG A 298 -2.26 5.83 -13.60
C ARG A 298 -3.69 6.35 -13.39
N ALA A 299 -4.68 5.64 -13.93
CA ALA A 299 -6.08 6.09 -13.82
C ALA A 299 -6.57 6.10 -12.38
N MET A 300 -6.16 5.09 -11.57
CA MET A 300 -6.64 5.08 -10.18
C MET A 300 -6.07 6.26 -9.39
N THR A 301 -4.81 6.63 -9.70
CA THR A 301 -4.13 7.72 -9.03
C THR A 301 -4.86 9.03 -9.39
N GLU A 302 -5.10 9.27 -10.68
CA GLU A 302 -5.91 10.37 -11.20
C GLU A 302 -7.23 10.51 -10.44
N GLN A 303 -7.98 9.43 -10.30
CA GLN A 303 -9.27 9.50 -9.64
C GLN A 303 -9.08 9.89 -8.20
N VAL A 304 -8.00 9.49 -7.53
CA VAL A 304 -8.01 9.82 -6.10
C VAL A 304 -7.39 11.20 -5.93
N GLN A 305 -6.48 11.61 -6.81
CA GLN A 305 -5.97 12.98 -6.83
C GLN A 305 -7.14 13.92 -7.06
N GLN A 306 -8.01 13.60 -8.01
CA GLN A 306 -9.12 14.51 -8.30
C GLN A 306 -10.06 14.64 -7.11
N ALA A 307 -10.30 13.53 -6.43
CA ALA A 307 -11.12 13.53 -5.23
C ALA A 307 -10.53 14.42 -4.17
N ALA A 308 -9.21 14.31 -4.02
CA ALA A 308 -8.50 15.08 -3.05
C ALA A 308 -8.58 16.58 -3.39
N ASP A 309 -8.55 16.90 -4.71
CA ASP A 309 -8.72 18.28 -5.20
C ASP A 309 -10.08 18.82 -4.72
N ARG A 310 -11.12 17.98 -4.83
CA ARG A 310 -12.49 18.34 -4.48
C ARG A 310 -12.70 18.36 -2.98
N LEU A 311 -11.96 17.62 -2.17
CA LEU A 311 -12.36 17.37 -0.80
C LEU A 311 -11.37 17.97 0.20
N CYS A 312 -10.08 18.00 -0.05
CA CYS A 312 -9.14 18.36 1.03
C CYS A 312 -7.98 19.17 0.50
N GLY A 313 -8.27 19.99 -0.52
CA GLY A 313 -7.33 20.96 -1.07
C GLY A 313 -6.12 20.30 -1.76
N GLY A 314 -6.37 19.10 -2.34
CA GLY A 314 -5.40 18.29 -3.05
C GLY A 314 -4.45 17.42 -2.18
N LYS A 315 -4.70 17.28 -0.87
CA LYS A 315 -3.81 16.63 0.07
C LYS A 315 -3.91 15.10 -0.04
N LEU A 316 -2.87 14.54 -0.65
CA LEU A 316 -2.79 13.13 -1.01
C LEU A 316 -1.38 12.61 -0.71
N VAL A 317 -1.30 11.59 0.15
CA VAL A 317 -0.09 10.82 0.36
C VAL A 317 -0.29 9.36 -0.05
N MET A 318 0.74 8.78 -0.70
CA MET A 318 0.81 7.40 -1.11
C MET A 318 2.01 6.76 -0.46
N VAL A 319 1.78 5.56 0.09
CA VAL A 319 2.78 4.80 0.78
C VAL A 319 2.86 3.44 0.11
N HIS A 320 4.05 3.09 -0.39
CA HIS A 320 4.30 1.80 -1.03
C HIS A 320 4.04 0.63 -0.07
N GLU A 321 3.34 -0.38 -0.61
CA GLU A 321 3.10 -1.60 0.12
C GLU A 321 3.79 -2.72 -0.67
N GLY A 322 3.01 -3.51 -1.39
CA GLY A 322 3.43 -4.72 -2.06
C GLY A 322 3.65 -4.52 -3.57
N GLY A 323 3.80 -5.64 -4.27
CA GLY A 323 4.21 -5.76 -5.66
C GLY A 323 5.51 -6.57 -5.76
N TYR A 324 5.45 -7.74 -6.43
CA TYR A 324 6.50 -8.75 -6.49
C TYR A 324 7.02 -8.91 -7.93
N ALA A 325 6.29 -8.56 -9.01
CA ALA A 325 6.77 -8.60 -10.40
C ALA A 325 7.97 -7.69 -10.70
N GLU A 326 9.15 -8.28 -10.79
CA GLU A 326 10.40 -7.51 -10.74
C GLU A 326 10.59 -6.66 -11.99
N SER A 327 10.12 -7.15 -13.12
CA SER A 327 10.34 -6.39 -14.33
C SER A 327 9.13 -5.48 -14.60
N TYR A 328 7.97 -5.74 -13.97
CA TYR A 328 6.78 -4.95 -14.38
C TYR A 328 6.41 -3.85 -13.38
N VAL A 329 6.52 -4.10 -12.06
CA VAL A 329 6.22 -3.09 -11.11
C VAL A 329 6.88 -1.77 -11.43
N PRO A 330 8.17 -1.65 -11.82
CA PRO A 330 8.69 -0.29 -12.04
C PRO A 330 7.83 0.55 -12.99
N PHE A 331 7.18 -0.08 -13.99
CA PHE A 331 6.42 0.72 -14.93
C PHE A 331 5.13 1.22 -14.28
N CYS A 332 4.62 0.41 -13.35
CA CYS A 332 3.38 0.73 -12.65
C CYS A 332 3.70 1.87 -11.67
N GLY A 333 4.83 1.79 -10.98
CA GLY A 333 5.26 2.83 -10.09
C GLY A 333 5.56 4.13 -10.81
N LEU A 334 6.32 4.09 -11.89
CA LEU A 334 6.58 5.30 -12.63
C LEU A 334 5.24 5.90 -13.04
N ALA A 335 4.33 5.09 -13.55
CA ALA A 335 3.00 5.65 -13.91
C ALA A 335 2.32 6.40 -12.76
N VAL A 336 2.31 5.83 -11.57
CA VAL A 336 1.75 6.53 -10.44
C VAL A 336 2.49 7.84 -10.22
N MET A 337 3.81 7.84 -10.26
CA MET A 337 4.55 9.01 -9.87
C MET A 337 4.37 10.09 -10.95
N GLU A 338 4.19 9.66 -12.18
CA GLU A 338 3.87 10.57 -13.27
C GLU A 338 2.49 11.19 -13.05
N ALA A 339 1.51 10.37 -12.68
CA ALA A 339 0.18 10.95 -12.50
C ALA A 339 0.15 11.87 -11.29
N LEU A 340 0.90 11.51 -10.22
CA LEU A 340 0.87 12.26 -8.98
C LEU A 340 1.59 13.62 -9.15
N SER A 341 2.65 13.66 -9.99
CA SER A 341 3.41 14.87 -10.20
C SER A 341 2.82 15.72 -11.32
N GLY A 342 2.01 15.11 -12.18
CA GLY A 342 1.52 15.73 -13.39
C GLY A 342 2.57 15.86 -14.48
N ILE A 343 3.66 15.06 -14.43
CA ILE A 343 4.73 15.09 -15.41
C ILE A 343 4.74 13.78 -16.14
N ARG A 344 4.66 13.81 -17.48
CA ARG A 344 4.68 12.60 -18.27
C ARG A 344 6.07 12.46 -18.89
N THR A 345 6.79 11.36 -18.65
CA THR A 345 8.11 11.22 -19.25
C THR A 345 7.92 10.65 -20.65
N GLU A 346 9.00 10.21 -21.27
CA GLU A 346 8.90 9.57 -22.59
C GLU A 346 8.76 8.05 -22.47
N VAL A 347 8.66 7.53 -21.26
CA VAL A 347 8.67 6.09 -21.12
C VAL A 347 7.32 5.54 -21.61
N GLN A 348 7.42 4.46 -22.34
CA GLN A 348 6.26 3.72 -22.78
C GLN A 348 6.42 2.30 -22.25
N ASP A 349 5.36 1.86 -21.58
CA ASP A 349 5.30 0.59 -20.90
C ASP A 349 5.37 -0.45 -22.01
N PRO A 350 6.39 -1.30 -22.14
CA PRO A 350 6.43 -2.25 -23.26
C PRO A 350 5.41 -3.39 -23.17
N LEU A 351 4.68 -3.53 -22.03
CA LEU A 351 3.67 -4.59 -21.88
C LEU A 351 2.24 -4.07 -22.02
N LEU A 352 2.05 -2.76 -22.09
CA LEU A 352 0.73 -2.18 -21.91
C LEU A 352 -0.24 -2.77 -22.93
N GLU A 353 0.17 -2.81 -24.19
CA GLU A 353 -0.77 -3.22 -25.18
C GLU A 353 -1.07 -4.71 -25.04
N PHE A 354 -0.03 -5.51 -24.79
CA PHE A 354 -0.20 -6.92 -24.48
C PHE A 354 -1.19 -7.16 -23.34
N ILE A 355 -1.07 -6.44 -22.23
CA ILE A 355 -1.99 -6.71 -21.12
C ILE A 355 -3.42 -6.20 -21.42
N GLN A 356 -3.54 -5.13 -22.20
CA GLN A 356 -4.85 -4.63 -22.63
C GLN A 356 -5.61 -5.70 -23.43
N GLN A 357 -4.89 -6.40 -24.29
CA GLN A 357 -5.45 -7.52 -25.02
C GLN A 357 -5.85 -8.73 -24.18
N GLN A 358 -5.31 -8.88 -22.98
CA GLN A 358 -5.59 -10.04 -22.16
C GLN A 358 -6.83 -9.79 -21.29
N GLN A 359 -7.31 -8.56 -21.23
CA GLN A 359 -8.33 -8.20 -20.25
C GLN A 359 -9.59 -9.06 -20.46
N PRO A 360 -10.28 -9.40 -19.37
CA PRO A 360 -11.52 -10.22 -19.42
C PRO A 360 -12.55 -9.59 -20.37
N ARG A 361 -13.22 -10.43 -21.15
CA ARG A 361 -14.32 -10.08 -22.04
C ARG A 361 -15.54 -9.59 -21.24
N ALA A 362 -16.56 -9.14 -21.98
CA ALA A 362 -17.72 -8.42 -21.43
C ALA A 362 -18.56 -9.26 -20.46
N THR A 363 -18.65 -10.57 -20.73
CA THR A 363 -19.36 -11.43 -19.81
C THR A 363 -18.84 -11.25 -18.40
N PHE A 364 -17.51 -11.46 -18.21
CA PHE A 364 -16.95 -11.41 -16.88
C PHE A 364 -17.08 -9.98 -16.39
N ALA A 365 -16.81 -9.04 -17.29
CA ALA A 365 -16.76 -7.63 -16.88
C ALA A 365 -18.11 -7.18 -16.32
N GLN A 366 -19.19 -7.60 -17.01
CA GLN A 366 -20.54 -7.19 -16.58
C GLN A 366 -20.90 -7.86 -15.26
N PHE A 367 -20.53 -9.14 -15.13
CA PHE A 367 -20.70 -9.87 -13.89
C PHE A 367 -19.99 -9.20 -12.73
N GLN A 368 -18.75 -8.73 -12.95
CA GLN A 368 -18.06 -8.12 -11.82
C GLN A 368 -18.67 -6.74 -11.49
N ARG A 369 -18.99 -5.97 -12.53
CA ARG A 369 -19.76 -4.72 -12.38
C ARG A 369 -21.05 -4.89 -11.56
N GLN A 370 -21.74 -6.00 -11.78
CA GLN A 370 -22.98 -6.24 -11.05
C GLN A 370 -22.65 -6.52 -9.60
N ALA A 371 -21.57 -7.30 -9.35
CA ALA A 371 -21.19 -7.64 -7.97
C ALA A 371 -20.82 -6.36 -7.19
N ILE A 372 -20.24 -5.40 -7.90
CA ILE A 372 -19.78 -4.17 -7.25
C ILE A 372 -21.02 -3.29 -6.99
N ASP A 373 -21.96 -3.27 -7.94
CA ASP A 373 -23.27 -2.63 -7.74
C ASP A 373 -23.92 -3.15 -6.44
N ARG A 374 -23.93 -4.47 -6.27
CA ARG A 374 -24.57 -5.00 -5.09
C ARG A 374 -23.86 -4.55 -3.83
N LEU A 375 -22.52 -4.38 -3.88
CA LEU A 375 -21.74 -4.03 -2.71
C LEU A 375 -22.08 -2.58 -2.37
N ALA A 376 -22.07 -1.71 -3.35
CA ALA A 376 -22.37 -0.31 -3.10
C ALA A 376 -23.79 -0.13 -2.55
N GLN A 377 -24.72 -0.96 -3.00
CA GLN A 377 -26.07 -0.92 -2.45
C GLN A 377 -26.03 -1.38 -0.99
N GLN A 378 -25.32 -2.46 -0.68
CA GLN A 378 -25.16 -2.90 0.69
C GLN A 378 -24.52 -1.84 1.58
N PHE A 379 -23.73 -0.92 1.02
CA PHE A 379 -23.03 0.02 1.89
C PHE A 379 -23.75 1.36 1.85
N GLY A 380 -24.91 1.43 1.18
CA GLY A 380 -25.75 2.62 1.14
C GLY A 380 -25.20 3.72 0.23
N LEU A 381 -24.63 3.33 -0.91
CA LEU A 381 -23.99 4.32 -1.78
C LEU A 381 -24.64 4.28 -3.16
N GLN A 382 -25.88 3.78 -3.25
CA GLN A 382 -26.57 3.59 -4.52
C GLN A 382 -28.05 3.33 -4.24
#